data_6B87
#
_entry.id   6B87
#
_cell.length_a   103.485
_cell.length_b   121.602
_cell.length_c   51.952
_cell.angle_alpha   90.00
_cell.angle_beta   119.85
_cell.angle_gamma   90.00
#
_symmetry.space_group_name_H-M   'C 1 2 1'
#
_entity_poly.entity_id   1
_entity_poly.type   'polypeptide(L)'
_entity_poly.pdbx_seq_one_letter_code
;MTRTEIIRELERSLRLQLVLAIFLLALLIVLLWLLQQLKELLRELERLQREGSSDEDVRELLREIKELVENIVYLVIIIM
VLVLVIIALAVTQKYLVEELKRQDLEHHHHH
;
_entity_poly.pdbx_strand_id   A,B,C,D
#
# COMPACT_ATOMS: atom_id res chain seq x y z
N THR A 4 31.85 6.42 12.86
CA THR A 4 30.73 6.95 13.64
C THR A 4 29.41 6.77 12.88
N GLU A 5 29.50 6.80 11.55
CA GLU A 5 28.34 6.59 10.67
C GLU A 5 27.79 5.18 10.82
N ILE A 6 28.67 4.21 11.06
CA ILE A 6 28.29 2.82 11.28
C ILE A 6 27.89 2.62 12.73
N ARG A 8 25.73 4.74 13.87
CA ARG A 8 24.38 5.20 13.62
C ARG A 8 23.58 4.18 12.81
N GLU A 9 24.15 3.74 11.68
CA GLU A 9 23.48 2.81 10.77
C GLU A 9 23.17 1.48 11.45
N LEU A 10 24.12 0.94 12.24
CA LEU A 10 23.86 -0.30 12.97
C LEU A 10 22.74 -0.16 13.97
N GLU A 11 22.66 0.96 14.66
CA GLU A 11 21.58 1.15 15.61
C GLU A 11 20.23 1.19 14.90
N ARG A 12 20.15 1.93 13.81
CA ARG A 12 18.90 2.01 13.07
C ARG A 12 18.49 0.67 12.50
N SER A 13 19.46 -0.07 11.99
CA SER A 13 19.20 -1.37 11.44
C SER A 13 18.68 -2.34 12.52
N LEU A 14 19.30 -2.28 13.70
CA LEU A 14 18.90 -3.06 14.85
C LEU A 14 17.55 -2.65 15.38
N ARG A 15 17.23 -1.35 15.32
CA ARG A 15 15.90 -0.88 15.67
C ARG A 15 14.84 -1.55 14.80
N LEU A 16 15.11 -1.63 13.48
CA LEU A 16 14.20 -2.35 12.59
C LEU A 16 14.08 -3.83 12.88
N GLN A 17 15.21 -4.53 13.04
CA GLN A 17 15.06 -5.95 13.29
C GLN A 17 14.34 -6.27 14.54
N LEU A 18 14.58 -5.50 15.61
CA LEU A 18 13.92 -5.81 16.85
C LEU A 18 12.41 -5.63 16.74
N VAL A 19 11.97 -4.54 16.10
CA VAL A 19 10.54 -4.34 15.93
C VAL A 19 9.94 -5.40 14.99
N LEU A 20 10.63 -5.69 13.89
CA LEU A 20 10.15 -6.68 12.93
C LEU A 20 10.17 -8.11 13.50
N ALA A 21 11.15 -8.44 14.35
CA ALA A 21 11.18 -9.74 15.00
C ALA A 21 10.00 -9.88 15.97
N ILE A 22 9.67 -8.79 16.65
CA ILE A 22 8.47 -8.75 17.47
C ILE A 22 7.21 -8.89 16.62
N PHE A 23 7.19 -8.28 15.42
CA PHE A 23 6.08 -8.49 14.49
C PHE A 23 5.98 -9.97 14.09
N LEU A 24 7.12 -10.68 13.87
CA LEU A 24 7.06 -12.12 13.61
C LEU A 24 6.42 -12.85 14.73
N LEU A 25 6.81 -12.51 15.96
CA LEU A 25 6.30 -13.23 17.09
C LEU A 25 4.79 -13.06 17.21
N ALA A 26 4.31 -11.84 16.95
CA ALA A 26 2.88 -11.56 16.91
C ALA A 26 2.18 -12.34 15.80
N LEU A 27 2.79 -12.39 14.61
CA LEU A 27 2.25 -13.16 13.50
C LEU A 27 2.18 -14.65 13.81
N LEU A 28 3.19 -15.17 14.53
CA LEU A 28 3.23 -16.56 14.97
C LEU A 28 2.14 -16.85 16.00
N ILE A 29 1.85 -15.89 16.88
CA ILE A 29 0.73 -16.02 17.80
C ILE A 29 -0.63 -16.04 17.06
N VAL A 30 -0.77 -15.22 16.01
CA VAL A 30 -1.95 -15.30 15.15
C VAL A 30 -2.03 -16.65 14.47
N LEU A 31 -0.89 -17.13 13.98
CA LEU A 31 -0.79 -18.43 13.35
C LEU A 31 -1.22 -19.56 14.29
N LEU A 32 -0.79 -19.51 15.55
CA LEU A 32 -1.30 -20.47 16.53
C LEU A 32 -2.78 -20.36 16.74
N TRP A 33 -3.32 -19.13 16.80
CA TRP A 33 -4.75 -18.94 16.95
C TRP A 33 -5.48 -19.65 15.80
N LEU A 34 -5.00 -19.46 14.57
CA LEU A 34 -5.60 -20.10 13.39
C LEU A 34 -5.50 -21.63 13.43
N LEU A 35 -4.38 -22.16 13.93
CA LEU A 35 -4.22 -23.60 14.07
C LEU A 35 -5.12 -24.18 15.15
N GLN A 36 -5.35 -23.40 16.21
CA GLN A 36 -6.30 -23.77 17.25
C GLN A 36 -7.74 -23.76 16.70
N GLN A 37 -8.01 -22.86 15.75
CA GLN A 37 -9.31 -22.85 15.04
C GLN A 37 -9.49 -24.14 14.21
N LEU A 38 -8.41 -24.69 13.62
CA LEU A 38 -8.50 -26.02 12.98
C LEU A 38 -8.83 -27.11 13.99
N LYS A 39 -8.21 -27.07 15.17
CA LYS A 39 -8.51 -28.10 16.17
C LYS A 39 -10.01 -28.12 16.53
N GLU A 40 -10.60 -26.93 16.69
CA GLU A 40 -12.04 -26.81 16.93
C GLU A 40 -12.88 -27.40 15.81
N LEU A 41 -12.61 -26.98 14.57
CA LEU A 41 -13.43 -27.39 13.44
C LEU A 41 -13.29 -28.87 13.12
N LEU A 42 -12.09 -29.42 13.30
CA LEU A 42 -11.85 -30.84 13.05
C LEU A 42 -12.50 -31.72 14.11
N ARG A 43 -12.56 -31.25 15.36
CA ARG A 43 -13.31 -31.96 16.40
C ARG A 43 -14.83 -31.92 16.13
N GLU A 44 -15.32 -30.80 15.61
CA GLU A 44 -16.73 -30.72 15.18
C GLU A 44 -16.99 -31.62 13.97
N LEU A 45 -16.01 -31.69 13.06
CA LEU A 45 -16.09 -32.52 11.87
C LEU A 45 -16.21 -33.99 12.27
N GLU A 46 -15.42 -34.39 13.27
CA GLU A 46 -15.55 -35.72 13.84
C GLU A 46 -16.94 -35.96 14.37
N ARG A 47 -17.45 -35.01 15.17
CA ARG A 47 -18.77 -35.14 15.74
C ARG A 47 -19.87 -35.29 14.69
N LEU A 48 -19.78 -34.54 13.60
CA LEU A 48 -20.77 -34.70 12.54
C LEU A 48 -20.73 -36.10 11.94
N GLN A 49 -19.52 -36.63 11.76
CA GLN A 49 -19.38 -37.96 11.21
C GLN A 49 -19.87 -39.01 12.21
N ARG A 50 -19.61 -38.78 13.50
CA ARG A 50 -20.10 -39.65 14.59
C ARG A 50 -21.61 -39.71 14.63
N GLU A 51 -22.23 -38.52 14.48
CA GLU A 51 -23.68 -38.40 14.46
C GLU A 51 -24.29 -39.00 13.20
N GLY A 52 -23.56 -38.95 12.10
CA GLY A 52 -24.07 -39.45 10.85
C GLY A 52 -24.91 -38.36 10.19
N SER A 53 -24.40 -37.13 10.25
CA SER A 53 -25.07 -35.97 9.65
C SER A 53 -25.01 -36.05 8.13
N SER A 54 -25.63 -35.09 7.45
CA SER A 54 -25.73 -35.18 6.01
C SER A 54 -24.44 -34.79 5.32
N ASP A 55 -24.36 -35.10 4.04
CA ASP A 55 -23.22 -34.73 3.23
C ASP A 55 -23.13 -33.22 3.12
N GLU A 56 -24.27 -32.53 3.13
CA GLU A 56 -24.30 -31.07 3.11
C GLU A 56 -23.74 -30.47 4.40
N ASP A 57 -24.06 -31.09 5.54
CA ASP A 57 -23.55 -30.61 6.84
C ASP A 57 -22.04 -30.73 6.91
N VAL A 58 -21.53 -31.90 6.51
CA VAL A 58 -20.12 -32.19 6.54
C VAL A 58 -19.38 -31.36 5.50
N ARG A 59 -19.90 -31.34 4.28
CA ARG A 59 -19.32 -30.55 3.20
C ARG A 59 -19.19 -29.08 3.54
N GLU A 60 -20.24 -28.50 4.13
CA GLU A 60 -20.21 -27.11 4.57
C GLU A 60 -19.05 -26.84 5.51
N LEU A 61 -18.93 -27.68 6.54
CA LEU A 61 -17.86 -27.55 7.51
C LEU A 61 -16.49 -27.77 6.89
N LEU A 62 -16.38 -28.77 6.02
CA LEU A 62 -15.14 -29.07 5.34
C LEU A 62 -14.71 -27.94 4.38
N ARG A 63 -15.67 -27.28 3.74
CA ARG A 63 -15.37 -26.10 2.94
C ARG A 63 -14.79 -24.96 3.80
N GLU A 64 -15.32 -24.79 5.01
CA GLU A 64 -14.82 -23.78 5.95
C GLU A 64 -13.38 -24.09 6.40
N ILE A 65 -13.11 -25.37 6.65
CA ILE A 65 -11.77 -25.87 7.00
C ILE A 65 -10.74 -25.65 5.90
N LYS A 66 -11.12 -25.91 4.65
CA LYS A 66 -10.24 -25.65 3.53
C LYS A 66 -9.88 -24.17 3.39
N GLU A 67 -10.87 -23.28 3.58
CA GLU A 67 -10.60 -21.84 3.56
C GLU A 67 -9.61 -21.44 4.64
N LEU A 68 -9.82 -21.96 5.86
CA LEU A 68 -8.94 -21.67 6.98
C LEU A 68 -7.51 -22.08 6.71
N VAL A 69 -7.28 -23.27 6.17
CA VAL A 69 -5.93 -23.70 5.83
C VAL A 69 -5.29 -22.78 4.80
N GLU A 70 -6.05 -22.31 3.81
CA GLU A 70 -5.51 -21.36 2.84
C GLU A 70 -5.08 -20.04 3.50
N ASN A 71 -5.85 -19.59 4.50
CA ASN A 71 -5.52 -18.38 5.26
C ASN A 71 -4.23 -18.60 6.06
N ILE A 72 -4.11 -19.77 6.67
CA ILE A 72 -2.92 -20.20 7.40
C ILE A 72 -1.69 -20.24 6.53
N VAL A 73 -1.81 -20.79 5.33
CA VAL A 73 -0.71 -20.79 4.39
C VAL A 73 -0.29 -19.40 3.95
N TYR A 74 -1.27 -18.51 3.67
CA TYR A 74 -0.90 -17.16 3.26
C TYR A 74 -0.17 -16.42 4.37
N LEU A 75 -0.63 -16.58 5.61
CA LEU A 75 0.04 -16.02 6.77
C LEU A 75 1.46 -16.54 6.88
N VAL A 76 1.64 -17.85 6.73
CA VAL A 76 2.98 -18.43 6.74
C VAL A 76 3.89 -17.88 5.67
N ILE A 77 3.39 -17.72 4.45
CA ILE A 77 4.22 -17.14 3.40
C ILE A 77 4.61 -15.71 3.73
N ILE A 78 3.68 -14.93 4.28
CA ILE A 78 3.97 -13.56 4.73
C ILE A 78 5.08 -13.55 5.77
N ILE A 79 5.00 -14.46 6.74
CA ILE A 79 6.03 -14.66 7.75
C ILE A 79 7.39 -14.99 7.14
N MET A 80 7.42 -15.87 6.13
CA MET A 80 8.66 -16.19 5.44
C MET A 80 9.28 -15.01 4.76
N VAL A 81 8.45 -14.14 4.16
CA VAL A 81 8.94 -12.94 3.50
C VAL A 81 9.51 -11.95 4.51
N LEU A 82 8.80 -11.77 5.62
CA LEU A 82 9.30 -10.94 6.71
C LEU A 82 10.61 -11.49 7.28
N VAL A 83 10.73 -12.82 7.43
CA VAL A 83 12.00 -13.42 7.83
C VAL A 83 13.11 -13.12 6.85
N LEU A 84 12.85 -13.18 5.55
CA LEU A 84 13.85 -12.80 4.57
C LEU A 84 14.26 -11.33 4.71
N VAL A 85 13.32 -10.45 5.08
CA VAL A 85 13.65 -9.05 5.39
C VAL A 85 14.60 -8.96 6.58
N ILE A 86 14.29 -9.72 7.63
CA ILE A 86 15.13 -9.80 8.82
C ILE A 86 16.51 -10.43 8.54
N ILE A 87 16.56 -11.46 7.69
CA ILE A 87 17.82 -12.01 7.23
C ILE A 87 18.63 -10.95 6.46
N ALA A 88 17.97 -10.20 5.58
CA ALA A 88 18.65 -9.14 4.83
C ALA A 88 19.22 -8.06 5.76
N LEU A 89 18.48 -7.71 6.82
CA LEU A 89 19.01 -6.78 7.83
C LEU A 89 20.19 -7.40 8.60
N ALA A 90 20.15 -8.72 8.88
CA ALA A 90 21.25 -9.39 9.58
C ALA A 90 22.52 -9.37 8.77
N VAL A 91 22.38 -9.61 7.46
CA VAL A 91 23.50 -9.57 6.54
C VAL A 91 24.09 -8.17 6.44
N THR A 92 23.22 -7.16 6.37
CA THR A 92 23.64 -5.76 6.38
C THR A 92 24.51 -5.44 7.58
N GLN A 93 24.06 -5.85 8.76
CA GLN A 93 24.76 -5.60 10.00
C GLN A 93 26.08 -6.32 10.06
N LYS A 94 26.13 -7.56 9.55
CA LYS A 94 27.37 -8.32 9.50
C LYS A 94 28.41 -7.61 8.66
N TYR A 95 27.99 -7.09 7.50
CA TYR A 95 28.88 -6.36 6.61
C TYR A 95 29.36 -5.05 7.24
N LEU A 96 28.47 -4.35 7.96
CA LEU A 96 28.83 -3.13 8.66
C LEU A 96 29.89 -3.37 9.72
N VAL A 97 29.74 -4.47 10.47
CA VAL A 97 30.72 -4.85 11.47
C VAL A 97 32.02 -5.31 10.84
N GLU A 98 31.95 -6.02 9.71
CA GLU A 98 33.15 -6.41 8.98
C GLU A 98 33.97 -5.19 8.52
N GLU A 99 33.31 -4.19 7.93
CA GLU A 99 34.02 -2.99 7.50
C GLU A 99 34.52 -2.17 8.69
N LEU A 100 33.79 -2.21 9.79
CA LEU A 100 34.20 -1.58 11.03
C LEU A 100 35.45 -2.24 11.62
N LYS A 101 35.50 -3.58 11.65
CA LYS A 101 36.68 -4.28 12.18
C LYS A 101 37.91 -4.15 11.27
N ARG A 102 37.72 -3.75 10.01
CA ARG A 102 38.84 -3.46 9.12
C ARG A 102 39.63 -2.18 9.45
N GLN A 103 39.23 -1.45 10.51
CA GLN A 103 39.99 -0.29 10.93
C GLN A 103 41.07 -0.71 11.95
N ASP A 104 42.14 0.07 12.04
CA ASP A 104 43.28 -0.29 12.94
C ASP A 104 42.89 -0.52 14.40
N ILE B 6 -26.75 2.77 -20.20
CA ILE B 6 -26.63 3.97 -19.38
C ILE B 6 -25.88 3.67 -18.09
N ILE B 7 -26.02 2.45 -17.59
CA ILE B 7 -25.41 2.01 -16.34
C ILE B 7 -23.89 2.05 -16.42
N ARG B 8 -23.36 1.50 -17.51
CA ARG B 8 -21.94 1.47 -17.76
C ARG B 8 -21.36 2.88 -17.90
N GLU B 9 -22.13 3.78 -18.50
CA GLU B 9 -21.70 5.17 -18.67
C GLU B 9 -21.50 5.85 -17.34
N LEU B 10 -22.45 5.65 -16.42
CA LEU B 10 -22.33 6.23 -15.08
C LEU B 10 -21.14 5.64 -14.33
N GLU B 11 -20.95 4.32 -14.46
CA GLU B 11 -19.84 3.64 -13.79
C GLU B 11 -18.48 4.14 -14.30
N ARG B 12 -18.36 4.31 -15.61
CA ARG B 12 -17.13 4.82 -16.22
C ARG B 12 -16.86 6.25 -15.81
N SER B 13 -17.93 7.06 -15.73
CA SER B 13 -17.81 8.45 -15.32
C SER B 13 -17.30 8.55 -13.89
N LEU B 14 -17.82 7.69 -13.00
CA LEU B 14 -17.35 7.64 -11.62
C LEU B 14 -15.91 7.21 -11.52
N ARG B 15 -15.52 6.24 -12.35
CA ARG B 15 -14.15 5.78 -12.37
C ARG B 15 -13.22 6.91 -12.74
N LEU B 16 -13.59 7.71 -13.74
CA LEU B 16 -12.79 8.87 -14.10
C LEU B 16 -12.72 9.89 -13.01
N GLN B 17 -13.80 10.15 -12.29
CA GLN B 17 -13.68 11.11 -11.20
C GLN B 17 -12.71 10.63 -10.16
N LEU B 18 -12.78 9.35 -9.82
CA LEU B 18 -11.94 8.81 -8.78
C LEU B 18 -10.48 8.80 -9.23
N VAL B 19 -10.23 8.38 -10.47
CA VAL B 19 -8.89 8.43 -11.04
C VAL B 19 -8.31 9.82 -11.10
N LEU B 20 -9.11 10.76 -11.57
CA LEU B 20 -8.64 12.11 -11.76
C LEU B 20 -8.52 12.84 -10.42
N ALA B 21 -9.39 12.49 -9.46
CA ALA B 21 -9.29 13.05 -8.11
C ALA B 21 -8.05 12.57 -7.41
N ILE B 22 -7.71 11.31 -7.62
CA ILE B 22 -6.44 10.75 -7.17
C ILE B 22 -5.27 11.42 -7.84
N PHE B 23 -5.39 11.67 -9.13
CA PHE B 23 -4.39 12.41 -9.86
C PHE B 23 -4.21 13.81 -9.28
N LEU B 24 -5.31 14.50 -8.92
CA LEU B 24 -5.21 15.79 -8.21
C LEU B 24 -4.50 15.70 -6.90
N LEU B 25 -4.84 14.68 -6.11
CA LEU B 25 -4.26 14.49 -4.80
C LEU B 25 -2.73 14.35 -4.92
N ALA B 26 -2.29 13.59 -5.92
CA ALA B 26 -0.87 13.46 -6.22
C ALA B 26 -0.23 14.81 -6.59
N LEU B 27 -0.90 15.60 -7.45
CA LEU B 27 -0.38 16.89 -7.87
C LEU B 27 -0.27 17.86 -6.71
N LEU B 28 -1.24 17.81 -5.80
CA LEU B 28 -1.29 18.65 -4.62
C LEU B 28 -0.23 18.28 -3.57
N ILE B 29 0.07 17.00 -3.43
CA ILE B 29 1.15 16.57 -2.55
C ILE B 29 2.49 17.10 -3.07
N VAL B 30 2.70 16.99 -4.39
CA VAL B 30 3.86 17.59 -5.03
C VAL B 30 3.90 19.10 -4.84
N LEU B 31 2.76 19.76 -5.03
CA LEU B 31 2.63 21.20 -4.84
C LEU B 31 3.03 21.63 -3.45
N LEU B 32 2.51 20.94 -2.45
CA LEU B 32 2.81 21.19 -1.05
C LEU B 32 4.31 21.04 -0.79
N TRP B 33 4.89 19.98 -1.35
CA TRP B 33 6.32 19.71 -1.28
C TRP B 33 7.16 20.80 -1.97
N LEU B 34 6.72 21.28 -3.14
CA LEU B 34 7.40 22.36 -3.84
C LEU B 34 7.38 23.63 -3.01
N LEU B 35 6.25 23.87 -2.36
CA LEU B 35 6.12 25.02 -1.48
C LEU B 35 7.01 24.91 -0.25
N GLN B 36 7.20 23.69 0.27
CA GLN B 36 8.15 23.49 1.35
C GLN B 36 9.56 23.86 0.90
N GLN B 37 9.93 23.47 -0.33
CA GLN B 37 11.22 23.83 -0.90
C GLN B 37 11.37 25.34 -1.09
N LEU B 38 10.28 25.99 -1.50
CA LEU B 38 10.25 27.43 -1.68
C LEU B 38 10.57 28.16 -0.38
N LYS B 39 9.98 27.69 0.73
CA LYS B 39 10.29 28.25 2.04
C LYS B 39 11.76 28.10 2.40
N GLU B 40 12.34 26.94 2.09
CA GLU B 40 13.74 26.69 2.38
C GLU B 40 14.67 27.65 1.61
N LEU B 41 14.34 27.93 0.34
CA LEU B 41 15.14 28.83 -0.48
C LEU B 41 15.08 30.26 0.02
N LEU B 42 13.88 30.68 0.45
CA LEU B 42 13.66 32.02 0.97
C LEU B 42 14.33 32.23 2.33
N ARG B 43 14.36 31.17 3.15
CA ARG B 43 15.09 31.22 4.41
C ARG B 43 16.60 31.37 4.14
N GLU B 44 17.10 30.65 3.14
CA GLU B 44 18.49 30.77 2.71
C GLU B 44 18.77 32.18 2.21
N LEU B 45 17.84 32.75 1.46
CA LEU B 45 17.98 34.08 0.89
C LEU B 45 18.12 35.13 1.98
N GLU B 46 17.28 35.04 3.02
CA GLU B 46 17.41 35.92 4.18
C GLU B 46 18.75 35.77 4.86
N ARG B 47 19.19 34.51 5.05
CA ARG B 47 20.46 34.25 5.68
C ARG B 47 21.62 34.83 4.87
N LEU B 48 21.55 34.77 3.54
CA LEU B 48 22.57 35.37 2.69
C LEU B 48 22.61 36.89 2.87
N GLN B 49 21.44 37.49 3.04
CA GLN B 49 21.35 38.93 3.31
C GLN B 49 21.97 39.27 4.67
N ARG B 50 21.72 38.42 5.67
CA ARG B 50 22.31 38.58 7.00
C ARG B 50 23.84 38.36 7.00
N GLU B 51 24.30 37.34 6.27
CA GLU B 51 25.72 37.00 6.16
C GLU B 51 26.50 38.03 5.34
N GLY B 52 25.86 38.62 4.33
CA GLY B 52 26.55 39.56 3.47
C GLY B 52 27.30 38.83 2.36
N SER B 53 26.64 37.83 1.76
CA SER B 53 27.20 37.03 0.66
C SER B 53 27.30 37.84 -0.64
N SER B 54 27.84 37.23 -1.69
CA SER B 54 28.03 37.98 -2.93
C SER B 54 26.75 38.11 -3.73
N ASP B 55 26.78 38.97 -4.74
CA ASP B 55 25.68 39.14 -5.67
C ASP B 55 25.46 37.87 -6.49
N GLU B 56 26.53 37.11 -6.74
CA GLU B 56 26.42 35.82 -7.43
C GLU B 56 25.65 34.81 -6.56
N ASP B 57 25.92 34.81 -5.25
CA ASP B 57 25.24 33.90 -4.33
C ASP B 57 23.74 34.22 -4.25
N VAL B 58 23.41 35.51 -4.09
CA VAL B 58 22.03 35.96 -3.94
C VAL B 58 21.21 35.89 -5.21
N ARG B 59 21.75 36.43 -6.31
CA ARG B 59 21.04 36.45 -7.58
C ARG B 59 20.79 35.04 -8.10
N GLU B 60 21.76 34.13 -7.96
CA GLU B 60 21.56 32.75 -8.41
C GLU B 60 20.45 32.08 -7.61
N LEU B 61 20.44 32.28 -6.29
CA LEU B 61 19.40 31.74 -5.45
C LEU B 61 18.03 32.32 -5.82
N LEU B 62 17.96 33.63 -6.03
CA LEU B 62 16.70 34.27 -6.39
C LEU B 62 16.20 33.82 -7.76
N ARG B 63 17.11 33.56 -8.70
CA ARG B 63 16.74 32.98 -9.99
C ARG B 63 16.12 31.59 -9.82
N GLU B 64 16.70 30.76 -8.92
CA GLU B 64 16.18 29.44 -8.60
C GLU B 64 14.81 29.51 -7.94
N ILE B 65 14.63 30.51 -7.07
CA ILE B 65 13.34 30.78 -6.44
C ILE B 65 12.27 31.12 -7.46
N LYS B 66 12.60 31.99 -8.42
CA LYS B 66 11.66 32.36 -9.47
C LYS B 66 11.28 31.18 -10.37
N GLU B 67 12.26 30.32 -10.70
CA GLU B 67 12.00 29.11 -11.48
C GLU B 67 11.02 28.17 -10.75
N LEU B 68 11.25 27.98 -9.44
CA LEU B 68 10.36 27.16 -8.62
C LEU B 68 8.93 27.70 -8.55
N VAL B 69 8.77 29.01 -8.35
CA VAL B 69 7.45 29.62 -8.35
C VAL B 69 6.74 29.47 -9.68
N GLU B 70 7.47 29.61 -10.78
CA GLU B 70 6.89 29.37 -12.10
C GLU B 70 6.36 27.95 -12.24
N ASN B 71 7.11 26.96 -11.73
CA ASN B 71 6.68 25.57 -11.76
C ASN B 71 5.45 25.33 -10.88
N ILE B 72 5.43 25.97 -9.71
CA ILE B 72 4.29 25.94 -8.81
C ILE B 72 3.04 26.51 -9.46
N VAL B 73 3.16 27.64 -10.15
CA VAL B 73 2.05 28.22 -10.89
C VAL B 73 1.54 27.29 -11.97
N TYR B 74 2.46 26.71 -12.74
CA TYR B 74 2.14 25.76 -13.78
C TYR B 74 1.37 24.56 -13.24
N LEU B 75 1.89 23.99 -12.16
CA LEU B 75 1.27 22.87 -11.48
C LEU B 75 -0.14 23.21 -11.04
N VAL B 76 -0.33 24.40 -10.44
CA VAL B 76 -1.66 24.86 -10.04
C VAL B 76 -2.60 24.97 -11.22
N ILE B 77 -2.11 25.42 -12.37
CA ILE B 77 -2.91 25.45 -13.58
C ILE B 77 -3.33 24.05 -14.04
N ILE B 78 -2.41 23.09 -14.01
CA ILE B 78 -2.72 21.69 -14.36
C ILE B 78 -3.81 21.14 -13.45
N ILE B 79 -3.70 21.48 -12.17
CA ILE B 79 -4.67 21.16 -11.15
C ILE B 79 -6.04 21.77 -11.45
N MET B 80 -6.07 23.07 -11.80
CA MET B 80 -7.33 23.75 -12.10
C MET B 80 -8.08 23.11 -13.26
N VAL B 81 -7.34 22.78 -14.32
CA VAL B 81 -7.95 22.16 -15.48
C VAL B 81 -8.50 20.79 -15.14
N LEU B 82 -7.72 20.03 -14.40
CA LEU B 82 -8.13 18.71 -13.96
C LEU B 82 -9.41 18.78 -13.10
N VAL B 83 -9.51 19.80 -12.23
CA VAL B 83 -10.76 20.05 -11.49
C VAL B 83 -11.95 20.37 -12.38
N LEU B 84 -11.75 21.17 -13.42
CA LEU B 84 -12.84 21.46 -14.34
C LEU B 84 -13.37 20.21 -15.01
N VAL B 85 -12.47 19.28 -15.35
CA VAL B 85 -12.85 18.00 -15.94
C VAL B 85 -13.72 17.19 -14.98
N ILE B 86 -13.31 17.14 -13.72
CA ILE B 86 -14.06 16.48 -12.67
C ILE B 86 -15.43 17.11 -12.43
N ILE B 87 -15.51 18.45 -12.48
CA ILE B 87 -16.78 19.15 -12.38
C ILE B 87 -17.70 18.76 -13.51
N ALA B 88 -17.17 18.68 -14.73
CA ALA B 88 -17.95 18.25 -15.88
C ALA B 88 -18.51 16.85 -15.67
N LEU B 89 -17.70 15.96 -15.09
CA LEU B 89 -18.16 14.62 -14.78
C LEU B 89 -19.29 14.65 -13.73
N ALA B 90 -19.17 15.53 -12.73
CA ALA B 90 -20.19 15.65 -11.67
C ALA B 90 -21.50 16.15 -12.24
N VAL B 91 -21.42 17.13 -13.14
CA VAL B 91 -22.59 17.69 -13.80
C VAL B 91 -23.27 16.65 -14.68
N THR B 92 -22.45 15.87 -15.40
CA THR B 92 -22.93 14.76 -16.22
C THR B 92 -23.73 13.76 -15.41
N GLN B 93 -23.19 13.38 -14.27
CA GLN B 93 -23.85 12.44 -13.37
C GLN B 93 -25.13 12.99 -12.80
N LYS B 94 -25.14 14.29 -12.46
CA LYS B 94 -26.36 14.94 -11.97
C LYS B 94 -27.46 14.88 -13.03
N TYR B 95 -27.07 15.10 -14.29
CA TYR B 95 -27.95 14.92 -15.43
C TYR B 95 -28.44 13.49 -15.56
N LEU B 96 -27.52 12.52 -15.49
CA LEU B 96 -27.87 11.10 -15.68
C LEU B 96 -28.91 10.65 -14.65
N VAL B 97 -28.77 11.11 -13.41
CA VAL B 97 -29.76 10.82 -12.37
C VAL B 97 -31.09 11.47 -12.66
N GLU B 98 -31.08 12.76 -13.03
CA GLU B 98 -32.30 13.48 -13.36
C GLU B 98 -32.99 12.85 -14.58
N GLU B 99 -32.21 12.35 -15.53
CA GLU B 99 -32.73 11.68 -16.71
C GLU B 99 -33.45 10.39 -16.33
N LEU B 100 -32.84 9.61 -15.43
CA LEU B 100 -33.48 8.40 -14.91
C LEU B 100 -34.72 8.72 -14.09
N LYS B 101 -34.65 9.79 -13.30
CA LYS B 101 -35.76 10.23 -12.49
C LYS B 101 -36.60 11.24 -13.26
N THR C 2 21.63 13.66 23.59
CA THR C 2 20.69 14.71 23.95
C THR C 2 19.50 14.68 23.00
N ARG C 3 18.81 15.81 22.86
CA ARG C 3 17.71 15.95 21.94
C ARG C 3 18.16 15.85 20.49
N THR C 4 19.41 16.23 20.20
CA THR C 4 19.91 16.21 18.81
C THR C 4 19.95 14.81 18.25
N GLU C 5 20.35 13.89 19.12
CA GLU C 5 20.41 12.46 18.82
C GLU C 5 19.04 11.84 18.50
N ILE C 6 17.96 12.54 18.81
CA ILE C 6 16.62 12.06 18.59
C ILE C 6 16.08 12.68 17.31
N ILE C 7 16.24 14.00 17.20
CA ILE C 7 15.76 14.79 16.07
C ILE C 7 16.37 14.33 14.75
N ARG C 8 17.67 14.10 14.77
CA ARG C 8 18.37 13.62 13.58
C ARG C 8 17.83 12.26 13.10
N GLU C 9 17.48 11.38 14.04
CA GLU C 9 16.96 10.07 13.70
C GLU C 9 15.55 10.14 13.15
N LEU C 10 14.75 11.07 13.67
CA LEU C 10 13.42 11.32 13.15
C LEU C 10 13.44 11.77 11.70
N GLU C 11 14.36 12.64 11.33
CA GLU C 11 14.47 13.04 9.93
C GLU C 11 14.84 11.85 9.04
N ARG C 12 15.84 11.08 9.48
CA ARG C 12 16.31 9.91 8.72
C ARG C 12 15.22 8.86 8.55
N SER C 13 14.50 8.60 9.63
CA SER C 13 13.44 7.63 9.62
C SER C 13 12.31 8.05 8.67
N LEU C 14 12.00 9.35 8.64
CA LEU C 14 11.02 9.87 7.70
C LEU C 14 11.47 9.75 6.26
N ARG C 15 12.75 9.93 5.99
CA ARG C 15 13.26 9.73 4.65
C ARG C 15 13.02 8.28 4.20
N LEU C 16 13.20 7.30 5.11
CA LEU C 16 12.88 5.90 4.80
C LEU C 16 11.42 5.68 4.47
N GLN C 17 10.52 6.18 5.34
CA GLN C 17 9.11 5.97 5.06
C GLN C 17 8.69 6.61 3.76
N LEU C 18 9.23 7.79 3.45
CA LEU C 18 8.85 8.45 2.22
C LEU C 18 9.24 7.60 1.01
N VAL C 19 10.47 7.06 1.01
CA VAL C 19 10.91 6.18 -0.07
C VAL C 19 10.10 4.91 -0.18
N LEU C 20 9.83 4.26 0.95
CA LEU C 20 9.13 3.00 0.94
C LEU C 20 7.65 3.18 0.61
N ALA C 21 7.06 4.32 1.02
CA ALA C 21 5.70 4.67 0.66
C ALA C 21 5.56 4.89 -0.84
N ILE C 22 6.55 5.57 -1.43
CA ILE C 22 6.59 5.75 -2.87
C ILE C 22 6.77 4.37 -3.58
N PHE C 23 7.56 3.45 -2.99
CA PHE C 23 7.60 2.07 -3.48
C PHE C 23 6.25 1.37 -3.44
N LEU C 24 5.47 1.54 -2.35
CA LEU C 24 4.11 0.96 -2.31
C LEU C 24 3.27 1.47 -3.45
N LEU C 25 3.36 2.78 -3.68
CA LEU C 25 2.60 3.43 -4.72
C LEU C 25 2.96 2.84 -6.08
N ALA C 26 4.27 2.67 -6.35
CA ALA C 26 4.72 2.06 -7.58
C ALA C 26 4.27 0.61 -7.72
N LEU C 27 4.35 -0.16 -6.62
CA LEU C 27 3.95 -1.56 -6.64
C LEU C 27 2.44 -1.70 -6.85
N LEU C 28 1.67 -0.78 -6.28
CA LEU C 28 0.22 -0.76 -6.50
C LEU C 28 -0.13 -0.36 -7.93
N ILE C 29 0.67 0.51 -8.55
CA ILE C 29 0.49 0.80 -9.96
C ILE C 29 0.77 -0.42 -10.81
N VAL C 30 1.84 -1.16 -10.47
CA VAL C 30 2.13 -2.44 -11.11
C VAL C 30 0.99 -3.42 -10.91
N LEU C 31 0.46 -3.47 -9.70
CA LEU C 31 -0.68 -4.31 -9.35
C LEU C 31 -1.89 -3.99 -10.22
N LEU C 32 -2.21 -2.71 -10.36
CA LEU C 32 -3.31 -2.28 -11.23
C LEU C 32 -3.08 -2.61 -12.69
N TRP C 33 -1.85 -2.45 -13.15
CA TRP C 33 -1.51 -2.82 -14.51
C TRP C 33 -1.77 -4.30 -14.74
N LEU C 34 -1.36 -5.14 -13.78
CA LEU C 34 -1.58 -6.58 -13.84
C LEU C 34 -3.08 -6.94 -13.76
N LEU C 35 -3.85 -6.18 -12.98
CA LEU C 35 -5.29 -6.36 -12.92
C LEU C 35 -5.96 -6.05 -14.26
N GLN C 36 -5.44 -5.06 -14.98
CA GLN C 36 -5.91 -4.78 -16.35
C GLN C 36 -5.59 -5.93 -17.29
N GLN C 37 -4.44 -6.57 -17.08
CA GLN C 37 -4.07 -7.74 -17.90
C GLN C 37 -5.04 -8.90 -17.67
N LEU C 38 -5.52 -9.08 -16.43
CA LEU C 38 -6.56 -10.09 -16.18
C LEU C 38 -7.86 -9.79 -16.91
N LYS C 39 -8.24 -8.52 -16.94
CA LYS C 39 -9.45 -8.08 -17.62
C LYS C 39 -9.39 -8.45 -19.11
N GLU C 40 -8.25 -8.18 -19.75
CA GLU C 40 -8.01 -8.54 -21.14
C GLU C 40 -8.05 -10.05 -21.37
N LEU C 41 -7.43 -10.82 -20.48
CA LEU C 41 -7.45 -12.28 -20.59
C LEU C 41 -8.87 -12.83 -20.50
N LEU C 42 -9.68 -12.26 -19.61
CA LEU C 42 -11.08 -12.68 -19.46
C LEU C 42 -11.90 -12.34 -20.70
N ARG C 43 -11.60 -11.21 -21.34
CA ARG C 43 -12.21 -10.87 -22.62
C ARG C 43 -12.01 -11.96 -23.65
N GLU C 44 -10.75 -12.38 -23.81
CA GLU C 44 -10.47 -13.40 -24.80
C GLU C 44 -10.89 -14.78 -24.35
N LEU C 45 -10.94 -15.03 -23.04
CA LEU C 45 -11.51 -16.27 -22.54
C LEU C 45 -12.98 -16.36 -22.93
N GLU C 46 -13.69 -15.24 -22.85
CA GLU C 46 -15.07 -15.16 -23.31
C GLU C 46 -15.15 -15.38 -24.82
N ARG C 47 -14.19 -14.84 -25.57
CA ARG C 47 -14.13 -15.07 -27.01
C ARG C 47 -13.90 -16.54 -27.35
N LEU C 48 -13.07 -17.23 -26.56
CA LEU C 48 -12.86 -18.66 -26.75
C LEU C 48 -14.11 -19.45 -26.41
N GLN C 49 -14.81 -19.04 -25.34
CA GLN C 49 -16.07 -19.65 -24.95
C GLN C 49 -17.12 -19.46 -26.04
N ARG C 50 -17.11 -18.28 -26.66
CA ARG C 50 -17.96 -18.02 -27.79
C ARG C 50 -17.32 -18.60 -29.04
N SER C 53 -13.87 -22.12 -29.45
CA SER C 53 -12.56 -22.77 -29.49
C SER C 53 -12.65 -24.18 -28.96
N SER C 54 -11.50 -24.84 -28.81
CA SER C 54 -11.47 -26.18 -28.23
C SER C 54 -11.33 -26.09 -26.73
N ASP C 55 -11.54 -27.22 -26.06
CA ASP C 55 -11.34 -27.31 -24.62
C ASP C 55 -9.88 -27.07 -24.28
N GLU C 56 -8.96 -27.55 -25.12
CA GLU C 56 -7.54 -27.34 -24.95
C GLU C 56 -7.18 -25.87 -25.01
N ASP C 57 -7.84 -25.11 -25.90
CA ASP C 57 -7.58 -23.67 -25.99
C ASP C 57 -8.04 -22.96 -24.72
N VAL C 58 -9.21 -23.35 -24.23
CA VAL C 58 -9.76 -22.81 -23.00
C VAL C 58 -8.89 -23.14 -21.80
N ARG C 59 -8.48 -24.40 -21.69
CA ARG C 59 -7.69 -24.87 -20.57
C ARG C 59 -6.30 -24.24 -20.58
N GLU C 60 -5.72 -24.07 -21.76
CA GLU C 60 -4.42 -23.41 -21.88
C GLU C 60 -4.48 -21.92 -21.51
N LEU C 61 -5.52 -21.21 -21.97
CA LEU C 61 -5.62 -19.81 -21.59
C LEU C 61 -5.95 -19.68 -20.12
N LEU C 62 -6.84 -20.54 -19.62
CA LEU C 62 -7.20 -20.55 -18.21
C LEU C 62 -6.00 -20.85 -17.32
N ARG C 63 -5.14 -21.77 -17.77
CA ARG C 63 -3.85 -22.00 -17.12
C ARG C 63 -3.08 -20.70 -16.95
N GLU C 64 -2.96 -19.94 -18.05
CA GLU C 64 -2.26 -18.65 -18.05
C GLU C 64 -2.91 -17.63 -17.11
N ILE C 65 -4.25 -17.60 -17.10
CA ILE C 65 -5.02 -16.72 -16.22
C ILE C 65 -4.76 -17.03 -14.76
N LYS C 66 -4.82 -18.30 -14.41
CA LYS C 66 -4.61 -18.76 -13.05
C LYS C 66 -3.18 -18.44 -12.57
N GLU C 67 -2.19 -18.60 -13.46
CA GLU C 67 -0.80 -18.27 -13.14
C GLU C 67 -0.60 -16.76 -12.91
N LEU C 68 -1.31 -15.92 -13.68
CA LEU C 68 -1.25 -14.48 -13.43
C LEU C 68 -1.84 -14.12 -12.08
N VAL C 69 -2.97 -14.74 -11.70
CA VAL C 69 -3.56 -14.48 -10.38
C VAL C 69 -2.58 -14.86 -9.26
N GLU C 70 -1.90 -16.01 -9.42
CA GLU C 70 -0.88 -16.42 -8.46
C GLU C 70 0.20 -15.34 -8.29
N ASN C 71 0.71 -14.82 -9.40
CA ASN C 71 1.73 -13.78 -9.38
C ASN C 71 1.25 -12.49 -8.70
N ILE C 72 -0.01 -12.14 -8.93
CA ILE C 72 -0.64 -11.00 -8.28
C ILE C 72 -0.74 -11.18 -6.77
N VAL C 73 -1.12 -12.38 -6.32
CA VAL C 73 -1.15 -12.69 -4.90
C VAL C 73 0.22 -12.49 -4.27
N TYR C 74 1.27 -12.95 -4.96
CA TYR C 74 2.62 -12.80 -4.47
C TYR C 74 3.02 -11.33 -4.36
N LEU C 75 2.61 -10.50 -5.33
CA LEU C 75 2.81 -9.06 -5.27
C LEU C 75 2.11 -8.45 -4.06
N VAL C 76 0.87 -8.85 -3.80
CA VAL C 76 0.13 -8.35 -2.65
C VAL C 76 0.81 -8.72 -1.34
N ILE C 77 1.28 -9.96 -1.22
CA ILE C 77 2.05 -10.37 -0.04
C ILE C 77 3.34 -9.55 0.15
N ILE C 78 4.06 -9.29 -0.93
CA ILE C 78 5.24 -8.41 -0.91
C ILE C 78 4.89 -7.03 -0.39
N ILE C 79 3.79 -6.48 -0.91
CA ILE C 79 3.25 -5.22 -0.46
C ILE C 79 2.91 -5.23 1.03
N MET C 80 2.29 -6.32 1.53
CA MET C 80 1.94 -6.39 2.95
C MET C 80 3.14 -6.31 3.86
N VAL C 81 4.21 -7.00 3.49
CA VAL C 81 5.42 -6.96 4.31
C VAL C 81 6.08 -5.58 4.24
N LEU C 82 6.07 -4.97 3.06
CA LEU C 82 6.54 -3.60 2.92
C LEU C 82 5.75 -2.64 3.83
N VAL C 83 4.41 -2.82 3.89
CA VAL C 83 3.58 -2.05 4.84
C VAL C 83 4.01 -2.29 6.28
N LEU C 84 4.29 -3.54 6.64
CA LEU C 84 4.73 -3.83 8.00
C LEU C 84 6.05 -3.11 8.33
N VAL C 85 6.98 -3.02 7.37
CA VAL C 85 8.23 -2.31 7.58
C VAL C 85 7.98 -0.83 7.86
N ILE C 86 7.07 -0.24 7.08
CA ILE C 86 6.66 1.15 7.25
C ILE C 86 6.00 1.38 8.62
N ILE C 87 5.16 0.43 9.06
CA ILE C 87 4.59 0.45 10.42
C ILE C 87 5.69 0.34 11.48
N ALA C 88 6.68 -0.53 11.25
CA ALA C 88 7.79 -0.64 12.19
C ALA C 88 8.51 0.69 12.33
N LEU C 89 8.67 1.41 11.22
CA LEU C 89 9.24 2.76 11.24
C LEU C 89 8.31 3.74 11.93
N ALA C 90 7.00 3.64 11.70
CA ALA C 90 6.03 4.50 12.37
C ALA C 90 6.11 4.34 13.88
N VAL C 91 6.31 3.10 14.31
CA VAL C 91 6.50 2.77 15.72
C VAL C 91 7.82 3.37 16.24
N THR C 92 8.90 3.23 15.47
CA THR C 92 10.20 3.83 15.79
C THR C 92 10.10 5.33 16.00
N GLN C 93 9.46 6.01 15.05
CA GLN C 93 9.29 7.45 15.06
C GLN C 93 8.43 7.91 16.20
N LYS C 94 7.35 7.18 16.44
CA LYS C 94 6.45 7.46 17.54
C LYS C 94 7.21 7.53 18.84
N TYR C 95 8.07 6.55 19.05
CA TYR C 95 8.84 6.48 20.28
C TYR C 95 9.96 7.51 20.33
N LEU C 96 10.57 7.83 19.19
CA LEU C 96 11.55 8.92 19.14
C LEU C 96 10.90 10.26 19.48
N VAL C 97 9.70 10.54 18.95
CA VAL C 97 9.00 11.78 19.29
C VAL C 97 8.57 11.81 20.74
N GLU C 98 8.11 10.67 21.28
CA GLU C 98 7.77 10.61 22.69
C GLU C 98 9.01 10.88 23.57
N GLU C 99 10.16 10.33 23.16
CA GLU C 99 11.41 10.61 23.85
C GLU C 99 11.85 12.06 23.65
N LEU C 100 11.57 12.60 22.46
CA LEU C 100 11.94 13.96 22.15
C LEU C 100 11.15 14.96 22.95
N LYS C 101 9.85 14.73 23.15
CA LYS C 101 9.08 15.64 23.97
C LYS C 101 9.48 15.54 25.43
N ARG C 102 9.98 14.37 25.85
CA ARG C 102 10.61 14.25 27.16
C ARG C 102 11.94 15.03 27.20
N GLN C 103 12.71 14.95 26.11
CA GLN C 103 13.97 15.69 25.97
C GLN C 103 13.71 17.13 25.52
N THR D 2 5.12 27.39 17.93
CA THR D 2 6.33 27.42 18.76
C THR D 2 7.10 26.10 18.66
N ARG D 3 7.90 25.77 19.68
CA ARG D 3 8.67 24.52 19.68
C ARG D 3 7.80 23.32 20.04
N THR D 4 6.99 23.51 21.09
CA THR D 4 6.07 22.49 21.58
C THR D 4 5.03 22.13 20.55
N GLU D 5 4.54 23.14 19.84
CA GLU D 5 3.53 22.97 18.82
C GLU D 5 4.02 22.04 17.72
N ILE D 6 5.29 22.16 17.35
CA ILE D 6 5.85 21.30 16.32
C ILE D 6 5.88 19.86 16.78
N ILE D 7 6.34 19.64 18.00
CA ILE D 7 6.41 18.29 18.54
C ILE D 7 5.04 17.66 18.72
N ARG D 8 4.07 18.44 19.19
CA ARG D 8 2.69 17.97 19.32
C ARG D 8 2.11 17.55 17.96
N GLU D 9 2.42 18.31 16.91
CA GLU D 9 1.98 17.96 15.57
C GLU D 9 2.72 16.76 15.00
N LEU D 10 4.00 16.58 15.34
CA LEU D 10 4.71 15.37 14.94
C LEU D 10 4.02 14.14 15.50
N GLU D 11 3.65 14.22 16.78
CA GLU D 11 2.95 13.15 17.45
C GLU D 11 1.62 12.80 16.78
N ARG D 12 0.79 13.81 16.52
CA ARG D 12 -0.51 13.58 15.88
C ARG D 12 -0.39 12.99 14.48
N SER D 13 0.53 13.52 13.68
CA SER D 13 0.74 13.05 12.32
C SER D 13 1.19 11.58 12.30
N LEU D 14 2.11 11.23 13.23
CA LEU D 14 2.55 9.85 13.39
C LEU D 14 1.44 8.93 13.75
N ARG D 15 0.60 9.34 14.69
CA ARG D 15 -0.57 8.55 15.06
C ARG D 15 -1.46 8.29 13.86
N LEU D 16 -1.72 9.31 13.04
CA LEU D 16 -2.47 9.09 11.81
C LEU D 16 -1.78 8.15 10.86
N GLN D 17 -0.49 8.30 10.65
CA GLN D 17 0.19 7.37 9.76
C GLN D 17 0.09 5.96 10.27
N LEU D 18 0.22 5.78 11.58
CA LEU D 18 0.19 4.46 12.17
C LEU D 18 -1.20 3.84 12.04
N VAL D 19 -2.24 4.62 12.39
CA VAL D 19 -3.63 4.20 12.26
C VAL D 19 -4.01 3.87 10.84
N LEU D 20 -3.61 4.73 9.92
CA LEU D 20 -3.94 4.56 8.53
C LEU D 20 -3.12 3.44 7.91
N ALA D 21 -1.88 3.23 8.38
CA ALA D 21 -1.08 2.09 7.90
C ALA D 21 -1.69 0.77 8.38
N ILE D 22 -2.22 0.75 9.60
CA ILE D 22 -2.96 -0.41 10.08
C ILE D 22 -4.20 -0.64 9.20
N PHE D 23 -4.91 0.43 8.83
CA PHE D 23 -6.04 0.31 7.90
C PHE D 23 -5.62 -0.25 6.54
N LEU D 24 -4.45 0.17 6.01
CA LEU D 24 -3.95 -0.38 4.74
C LEU D 24 -3.78 -1.86 4.83
N LEU D 25 -3.21 -2.30 5.94
CA LEU D 25 -2.91 -3.68 6.15
C LEU D 25 -4.22 -4.50 6.18
N ALA D 26 -5.23 -3.97 6.88
CA ALA D 26 -6.55 -4.59 6.91
C ALA D 26 -7.18 -4.68 5.50
N LEU D 27 -7.00 -3.64 4.69
CA LEU D 27 -7.49 -3.64 3.32
C LEU D 27 -6.79 -4.69 2.47
N LEU D 28 -5.49 -4.89 2.70
CA LEU D 28 -4.69 -5.89 1.99
C LEU D 28 -5.07 -7.33 2.38
N ILE D 29 -5.48 -7.53 3.62
CA ILE D 29 -5.99 -8.83 4.06
C ILE D 29 -7.25 -9.20 3.32
N VAL D 30 -8.16 -8.21 3.22
CA VAL D 30 -9.38 -8.34 2.44
C VAL D 30 -9.09 -8.54 0.97
N LEU D 31 -8.11 -7.80 0.47
CA LEU D 31 -7.68 -7.96 -0.91
C LEU D 31 -7.24 -9.38 -1.19
N LEU D 32 -6.46 -10.00 -0.29
CA LEU D 32 -6.09 -11.40 -0.45
C LEU D 32 -7.32 -12.31 -0.42
N TRP D 33 -8.28 -12.03 0.47
CA TRP D 33 -9.49 -12.83 0.53
C TRP D 33 -10.29 -12.78 -0.78
N LEU D 34 -10.28 -11.63 -1.46
CA LEU D 34 -10.95 -11.52 -2.74
C LEU D 34 -10.18 -12.27 -3.84
N LEU D 35 -8.83 -12.21 -3.78
CA LEU D 35 -7.99 -12.95 -4.72
C LEU D 35 -8.14 -14.46 -4.51
N GLN D 36 -8.34 -14.85 -3.25
CA GLN D 36 -8.59 -16.20 -2.85
C GLN D 36 -9.94 -16.68 -3.41
N GLN D 37 -10.95 -15.79 -3.41
CA GLN D 37 -12.23 -16.07 -4.07
C GLN D 37 -12.07 -16.23 -5.60
N LEU D 38 -11.20 -15.44 -6.24
CA LEU D 38 -10.95 -15.67 -7.68
C LEU D 38 -10.39 -17.03 -7.93
N LYS D 39 -9.46 -17.47 -7.08
CA LYS D 39 -8.86 -18.78 -7.22
C LYS D 39 -9.93 -19.87 -7.09
N GLU D 40 -10.86 -19.69 -6.14
CA GLU D 40 -12.02 -20.57 -5.99
C GLU D 40 -12.85 -20.66 -7.26
N LEU D 41 -13.19 -19.49 -7.82
CA LEU D 41 -14.04 -19.43 -9.00
C LEU D 41 -13.33 -20.00 -10.24
N LEU D 42 -12.02 -19.76 -10.36
CA LEU D 42 -11.24 -20.29 -11.49
C LEU D 42 -11.02 -21.79 -11.38
N ARG D 43 -10.92 -22.32 -10.16
CA ARG D 43 -10.84 -23.77 -9.95
C ARG D 43 -12.12 -24.46 -10.41
N GLU D 44 -13.28 -23.86 -10.08
CA GLU D 44 -14.57 -24.36 -10.52
C GLU D 44 -14.69 -24.31 -12.04
N LEU D 45 -14.20 -23.22 -12.62
CA LEU D 45 -14.18 -23.02 -14.06
C LEU D 45 -13.34 -24.09 -14.77
N GLU D 46 -12.17 -24.43 -14.20
CA GLU D 46 -11.32 -25.48 -14.74
C GLU D 46 -11.99 -26.84 -14.73
N ARG D 47 -12.71 -27.15 -13.63
CA ARG D 47 -13.45 -28.40 -13.52
C ARG D 47 -14.54 -28.48 -14.59
N LEU D 48 -15.22 -27.37 -14.86
CA LEU D 48 -16.23 -27.31 -15.91
C LEU D 48 -15.62 -27.55 -17.29
N GLN D 49 -14.43 -26.98 -17.54
CA GLN D 49 -13.72 -27.18 -18.81
C GLN D 49 -13.35 -28.65 -19.02
N ARG D 50 -12.99 -29.34 -17.93
CA ARG D 50 -12.68 -30.77 -17.95
C ARG D 50 -13.90 -31.62 -18.29
N GLU D 51 -15.04 -31.30 -17.68
CA GLU D 51 -16.28 -32.05 -17.96
C GLU D 51 -16.84 -31.74 -19.34
N GLY D 52 -16.70 -30.49 -19.78
CA GLY D 52 -17.17 -30.09 -21.09
C GLY D 52 -18.66 -29.82 -21.06
N SER D 54 -24.56 -25.18 -18.53
CA SER D 54 -25.04 -24.51 -19.74
C SER D 54 -24.30 -23.22 -19.98
N ASP D 55 -24.65 -22.54 -21.07
CA ASP D 55 -24.09 -21.23 -21.39
C ASP D 55 -24.46 -20.22 -20.32
N GLU D 56 -25.65 -20.37 -19.75
CA GLU D 56 -26.14 -19.51 -18.69
C GLU D 56 -25.42 -19.81 -17.38
N ASP D 57 -25.02 -21.06 -17.16
CA ASP D 57 -24.25 -21.39 -15.96
C ASP D 57 -22.82 -20.87 -16.08
N VAL D 58 -22.26 -20.93 -17.31
CA VAL D 58 -20.97 -20.32 -17.59
C VAL D 58 -21.02 -18.83 -17.44
N ARG D 59 -22.08 -18.22 -17.97
CA ARG D 59 -22.30 -16.79 -17.84
C ARG D 59 -22.42 -16.40 -16.37
N GLU D 60 -23.12 -17.20 -15.57
CA GLU D 60 -23.27 -16.90 -14.15
C GLU D 60 -21.93 -16.91 -13.42
N LEU D 61 -21.11 -17.93 -13.67
CA LEU D 61 -19.81 -18.03 -13.02
C LEU D 61 -18.84 -16.95 -13.49
N LEU D 62 -18.73 -16.78 -14.82
CA LEU D 62 -17.81 -15.80 -15.39
C LEU D 62 -18.21 -14.37 -15.02
N ARG D 63 -19.51 -14.10 -14.96
CA ARG D 63 -20.01 -12.82 -14.48
C ARG D 63 -19.57 -12.57 -13.05
N GLU D 64 -19.70 -13.58 -12.19
CA GLU D 64 -19.25 -13.48 -10.80
C GLU D 64 -17.76 -13.21 -10.70
N ILE D 65 -16.96 -13.87 -11.55
CA ILE D 65 -15.52 -13.62 -11.64
C ILE D 65 -15.24 -12.19 -12.04
N LYS D 66 -15.90 -11.70 -13.08
CA LYS D 66 -15.71 -10.35 -13.57
C LYS D 66 -16.14 -9.31 -12.52
N GLU D 67 -17.24 -9.58 -11.81
CA GLU D 67 -17.71 -8.72 -10.74
C GLU D 67 -16.71 -8.64 -9.62
N LEU D 68 -16.15 -9.79 -9.27
CA LEU D 68 -15.13 -9.90 -8.25
C LEU D 68 -13.86 -9.17 -8.63
N VAL D 69 -13.40 -9.33 -9.89
CA VAL D 69 -12.22 -8.61 -10.37
C VAL D 69 -12.42 -7.10 -10.25
N GLU D 70 -13.60 -6.60 -10.61
CA GLU D 70 -13.87 -5.18 -10.49
C GLU D 70 -13.93 -4.72 -9.03
N ASN D 71 -14.46 -5.56 -8.11
CA ASN D 71 -14.45 -5.24 -6.68
C ASN D 71 -13.02 -5.15 -6.15
N ILE D 72 -12.14 -6.02 -6.65
CA ILE D 72 -10.72 -6.02 -6.37
C ILE D 72 -10.03 -4.76 -6.84
N VAL D 73 -10.29 -4.35 -8.09
CA VAL D 73 -9.68 -3.13 -8.61
C VAL D 73 -10.10 -1.92 -7.80
N TYR D 74 -11.40 -1.83 -7.45
CA TYR D 74 -11.90 -0.74 -6.63
C TYR D 74 -11.21 -0.70 -5.27
N LEU D 75 -11.04 -1.87 -4.66
CA LEU D 75 -10.31 -1.98 -3.40
C LEU D 75 -8.87 -1.51 -3.50
N VAL D 76 -8.18 -1.88 -4.57
CA VAL D 76 -6.81 -1.43 -4.80
C VAL D 76 -6.73 0.08 -4.95
N ILE D 77 -7.69 0.66 -5.66
CA ILE D 77 -7.77 2.11 -5.82
C ILE D 77 -7.98 2.83 -4.48
N ILE D 78 -8.86 2.28 -3.64
CA ILE D 78 -9.09 2.76 -2.28
C ILE D 78 -7.81 2.66 -1.42
N ILE D 79 -7.09 1.54 -1.56
CA ILE D 79 -5.80 1.35 -0.90
C ILE D 79 -4.81 2.42 -1.36
N MET D 80 -4.76 2.66 -2.67
CA MET D 80 -3.87 3.67 -3.23
C MET D 80 -4.17 5.08 -2.74
N VAL D 81 -5.47 5.42 -2.59
CA VAL D 81 -5.86 6.71 -1.98
C VAL D 81 -5.28 6.88 -0.60
N LEU D 82 -5.42 5.82 0.21
CA LEU D 82 -4.93 5.82 1.57
C LEU D 82 -3.39 5.92 1.65
N VAL D 83 -2.68 5.26 0.72
CA VAL D 83 -1.23 5.42 0.61
C VAL D 83 -0.83 6.87 0.38
N LEU D 84 -1.52 7.55 -0.54
CA LEU D 84 -1.25 8.95 -0.84
C LEU D 84 -1.48 9.87 0.35
N VAL D 85 -2.52 9.60 1.15
CA VAL D 85 -2.72 10.36 2.38
C VAL D 85 -1.53 10.23 3.34
N ILE D 86 -1.02 9.01 3.52
CA ILE D 86 0.15 8.76 4.34
C ILE D 86 1.41 9.45 3.78
N ILE D 87 1.57 9.45 2.45
CA ILE D 87 2.66 10.20 1.82
C ILE D 87 2.58 11.69 2.13
N ALA D 88 1.38 12.26 2.08
CA ALA D 88 1.16 13.67 2.44
C ALA D 88 1.54 13.93 3.90
N LEU D 89 1.23 12.98 4.78
CA LEU D 89 1.63 13.05 6.19
C LEU D 89 3.17 12.96 6.34
N ALA D 90 3.83 12.14 5.49
CA ALA D 90 5.28 12.08 5.47
C ALA D 90 5.91 13.41 5.03
N VAL D 91 5.31 14.03 4.00
CA VAL D 91 5.75 15.35 3.52
C VAL D 91 5.55 16.41 4.61
N THR D 92 4.41 16.34 5.31
CA THR D 92 4.12 17.22 6.43
C THR D 92 5.14 17.11 7.57
N GLN D 93 5.51 15.87 7.96
CA GLN D 93 6.51 15.69 9.00
C GLN D 93 7.93 16.03 8.53
N LYS D 94 8.19 15.96 7.22
CA LYS D 94 9.45 16.45 6.68
C LYS D 94 9.61 17.92 7.05
N TYR D 95 8.55 18.71 6.81
CA TYR D 95 8.50 20.11 7.25
C TYR D 95 8.64 20.29 8.76
N LEU D 96 7.84 19.57 9.53
CA LEU D 96 7.83 19.74 10.99
C LEU D 96 9.18 19.45 11.63
N VAL D 97 9.85 18.37 11.19
CA VAL D 97 11.16 18.05 11.73
C VAL D 97 12.20 19.08 11.29
N GLU D 98 12.17 19.51 10.03
CA GLU D 98 13.10 20.53 9.56
C GLU D 98 12.88 21.87 10.26
N GLU D 99 11.63 22.18 10.61
CA GLU D 99 11.31 23.36 11.42
C GLU D 99 11.83 23.21 12.84
N LEU D 100 11.73 22.01 13.40
CA LEU D 100 12.26 21.74 14.73
C LEU D 100 13.79 21.83 14.74
N LYS D 101 14.40 21.37 13.64
CA LYS D 101 15.83 21.52 13.40
C LYS D 101 16.22 23.00 13.26
N ARG D 102 15.42 23.75 12.51
CA ARG D 102 15.62 25.18 12.32
C ARG D 102 15.52 25.94 13.64
N GLN D 103 14.62 25.51 14.53
CA GLN D 103 14.50 26.13 15.86
C GLN D 103 15.60 25.66 16.82
N ASP D 104 16.83 26.07 16.52
CA ASP D 104 18.05 25.81 17.30
C ASP D 104 18.14 24.41 17.93
#